data_6ZUA
#
_entry.id   6ZUA
#
_cell.length_a   95.350
_cell.length_b   95.350
_cell.length_c   95.350
_cell.angle_alpha   90.000
_cell.angle_beta   90.000
_cell.angle_gamma   90.000
#
_symmetry.space_group_name_H-M   'P 21 3'
#
loop_
_entity.id
_entity.type
_entity.pdbx_description
1 polymer 'Copper-containing nitrite reductase'
2 non-polymer 'COPPER (II) ION'
3 non-polymer 'SULFATE ION'
4 non-polymer 'NITRITE ION'
5 non-polymer 'MALONATE ION'
6 non-polymer 'NITRIC OXIDE'
7 water water
#
_entity_poly.entity_id   1
_entity_poly.type   'polypeptide(L)'
_entity_poly.pdbx_seq_one_letter_code
;VDISTLPRVKVDLVKPPFVHAHDQVAKTGPRVVEFTMTIEEKKLVIDREGTEIHAMTFNGSVPGPLMVVHENDYVELRLI
NPDTNTLLHNIDFHAATGALGGGALTQVNPGEETTLRFKATKPGVFVYHCAPEGMVPWHVTSGMNGAIMVLPRDGLKDEK
GQPLTYDKIYYVGEQDFYVPKDEAGNYKKYETPGEAYEDAVKAMRTLTPTHIVFNGAVGALTGDHALTAAVGERVLVVHS
QANRDTRPHLIGGHGDYVWATGKFRNPPDLDQETWLIPGGTAGAAFYTFRQPGVYAYVNHNLIEAFELGAAGHFKVTGEW
NDDLMTSVVKPASM
;
_entity_poly.pdbx_strand_id   A
#
loop_
_chem_comp.id
_chem_comp.type
_chem_comp.name
_chem_comp.formula
CU non-polymer 'COPPER (II) ION' 'Cu 2'
MLI non-polymer 'MALONATE ION' 'C3 H2 O4 -2'
NO non-polymer 'NITRIC OXIDE' 'N O'
NO2 non-polymer 'NITRITE ION' 'N O2 -1'
SO4 non-polymer 'SULFATE ION' 'O4 S -2'
#
# COMPACT_ATOMS: atom_id res chain seq x y z
N VAL A 1 24.99 -15.93 13.82
CA VAL A 1 25.81 -14.73 13.61
CA VAL A 1 25.88 -14.78 13.69
C VAL A 1 25.59 -13.73 14.74
N ASP A 2 26.64 -12.96 15.00
CA ASP A 2 26.38 -11.97 16.03
C ASP A 2 25.87 -10.79 15.21
N ILE A 3 24.60 -10.54 15.43
CA ILE A 3 23.97 -9.43 14.72
C ILE A 3 24.67 -8.12 15.06
N SER A 4 25.27 -8.02 16.26
CA SER A 4 25.91 -6.77 16.66
C SER A 4 27.10 -6.43 15.80
N THR A 5 27.63 -7.32 14.99
CA THR A 5 28.73 -7.08 14.09
C THR A 5 28.31 -6.52 12.74
N LEU A 6 27.00 -6.45 12.49
CA LEU A 6 26.53 -6.02 11.19
C LEU A 6 26.36 -4.50 11.16
N PRO A 7 26.47 -3.93 9.95
CA PRO A 7 26.16 -2.51 9.82
C PRO A 7 24.71 -2.25 10.20
N ARG A 8 24.49 -1.04 10.73
CA ARG A 8 23.16 -0.51 10.96
C ARG A 8 22.94 0.72 10.08
N VAL A 9 21.75 0.75 9.47
CA VAL A 9 21.37 1.90 8.69
C VAL A 9 19.97 2.31 9.08
N LYS A 10 19.80 3.59 9.36
CA LYS A 10 18.53 4.15 9.76
C LYS A 10 17.79 4.66 8.52
N VAL A 11 16.56 4.26 8.35
CA VAL A 11 15.73 4.77 7.25
C VAL A 11 14.83 5.82 7.80
N ASP A 12 14.71 6.87 7.01
CA ASP A 12 13.75 7.91 7.22
C ASP A 12 12.60 7.78 6.17
N LEU A 13 11.45 7.38 6.68
CA LEU A 13 10.30 7.04 5.82
C LEU A 13 9.65 8.28 5.23
N VAL A 14 8.91 8.09 4.18
CA VAL A 14 8.19 9.13 3.51
CA VAL A 14 8.22 9.04 3.35
C VAL A 14 6.74 8.71 3.33
N LYS A 15 5.87 9.69 3.10
CA LYS A 15 4.44 9.50 2.96
CA LYS A 15 4.45 9.44 2.98
C LYS A 15 4.09 8.85 1.64
N PRO A 16 3.26 7.81 1.62
CA PRO A 16 2.80 7.28 0.33
C PRO A 16 2.11 8.37 -0.49
N PRO A 17 2.15 8.26 -1.82
CA PRO A 17 2.61 7.11 -2.62
C PRO A 17 4.11 7.11 -2.90
N PHE A 18 4.82 8.08 -2.34
CA PHE A 18 6.28 8.09 -2.50
C PHE A 18 6.93 7.04 -1.65
N VAL A 19 8.19 6.74 -1.92
CA VAL A 19 8.93 5.67 -1.28
C VAL A 19 10.33 6.18 -0.90
N HIS A 20 10.78 5.82 0.31
CA HIS A 20 12.10 6.23 0.72
C HIS A 20 13.16 5.73 -0.25
N ALA A 21 14.19 6.52 -0.42
CA ALA A 21 15.38 6.14 -1.18
C ALA A 21 16.00 4.82 -0.71
N HIS A 22 16.41 4.05 -1.74
CA HIS A 22 17.01 2.77 -1.59
C HIS A 22 17.77 2.41 -2.88
N ASP A 23 18.51 1.33 -2.85
N ASP A 23 18.47 1.31 -2.77
CA ASP A 23 19.26 0.88 -4.03
CA ASP A 23 19.20 0.75 -3.89
C ASP A 23 18.72 -0.49 -4.44
C ASP A 23 18.48 -0.50 -4.39
N GLN A 24 18.32 -0.65 -5.70
CA GLN A 24 17.74 -1.88 -6.16
C GLN A 24 18.69 -3.06 -6.00
N VAL A 25 19.94 -2.90 -6.44
CA VAL A 25 20.98 -3.88 -6.23
C VAL A 25 21.73 -3.51 -4.95
N ALA A 26 21.88 -4.48 -4.06
CA ALA A 26 22.47 -4.15 -2.76
C ALA A 26 23.97 -3.76 -2.90
N LYS A 27 24.30 -2.60 -2.35
CA LYS A 27 25.64 -2.07 -2.43
C LYS A 27 26.51 -2.40 -1.21
N THR A 28 25.90 -3.09 -0.25
CA THR A 28 26.54 -3.57 0.94
C THR A 28 26.14 -5.04 1.18
N GLY A 29 26.79 -5.62 2.18
CA GLY A 29 26.40 -6.92 2.69
C GLY A 29 25.11 -6.74 3.48
N PRO A 30 24.60 -7.83 4.04
N PRO A 30 24.76 -7.77 4.22
CA PRO A 30 23.39 -7.72 4.88
CA PRO A 30 23.52 -7.74 5.00
C PRO A 30 23.59 -6.67 5.97
C PRO A 30 23.63 -6.67 6.08
N ARG A 31 22.52 -5.99 6.33
CA ARG A 31 22.47 -4.92 7.30
C ARG A 31 21.26 -5.13 8.23
N VAL A 32 21.36 -4.51 9.40
CA VAL A 32 20.19 -4.21 10.23
C VAL A 32 19.63 -2.86 9.81
N VAL A 33 18.43 -2.88 9.26
CA VAL A 33 17.78 -1.68 8.76
C VAL A 33 16.78 -1.21 9.78
N GLU A 34 17.00 -0.02 10.31
CA GLU A 34 16.26 0.54 11.43
C GLU A 34 15.15 1.46 10.95
N PHE A 35 13.94 1.13 11.39
CA PHE A 35 12.77 1.91 11.11
C PHE A 35 12.08 2.30 12.41
N THR A 36 11.44 3.44 12.39
N THR A 36 11.42 3.45 12.42
CA THR A 36 10.58 3.88 13.49
CA THR A 36 10.56 3.84 13.53
C THR A 36 9.22 4.28 12.92
C THR A 36 9.24 4.40 13.02
N MET A 37 8.15 3.86 13.56
CA MET A 37 6.85 4.36 13.23
C MET A 37 6.10 4.71 14.50
N THR A 38 5.34 5.78 14.39
CA THR A 38 4.52 6.26 15.51
C THR A 38 3.07 6.12 15.10
N ILE A 39 2.30 5.41 15.89
CA ILE A 39 0.90 5.20 15.62
C ILE A 39 0.14 6.49 15.88
N GLU A 40 -0.79 6.82 15.00
CA GLU A 40 -1.64 7.97 15.19
C GLU A 40 -3.08 7.65 14.89
N GLU A 41 -3.94 7.71 15.89
CA GLU A 41 -5.38 7.71 15.75
C GLU A 41 -5.80 9.11 15.40
N LYS A 42 -6.58 9.30 14.33
CA LYS A 42 -6.95 10.65 13.92
C LYS A 42 -8.21 10.59 13.10
N LYS A 43 -8.91 11.73 13.07
CA LYS A 43 -10.03 11.86 12.15
C LYS A 43 -9.55 12.08 10.73
N LEU A 44 -10.19 11.44 9.76
CA LEU A 44 -9.85 11.59 8.35
C LEU A 44 -11.15 11.80 7.58
N VAL A 45 -11.19 12.76 6.67
CA VAL A 45 -12.26 12.93 5.68
C VAL A 45 -11.90 12.11 4.45
N ILE A 46 -12.81 11.20 4.11
CA ILE A 46 -12.46 10.21 3.09
C ILE A 46 -13.18 10.35 1.77
N ASP A 47 -14.16 11.23 1.64
CA ASP A 47 -14.86 11.36 0.37
C ASP A 47 -15.20 12.82 0.11
N ARG A 48 -15.77 13.09 -1.02
CA ARG A 48 -16.12 14.45 -1.41
C ARG A 48 -17.31 14.99 -0.62
N GLU A 49 -18.11 14.12 -0.06
CA GLU A 49 -19.26 14.49 0.73
C GLU A 49 -18.86 15.02 2.09
N GLY A 50 -17.62 14.76 2.54
CA GLY A 50 -17.16 15.18 3.84
C GLY A 50 -17.25 14.16 4.91
N THR A 51 -17.52 12.90 4.56
CA THR A 51 -17.62 11.83 5.57
C THR A 51 -16.30 11.74 6.32
N GLU A 52 -16.40 11.83 7.62
CA GLU A 52 -15.25 11.80 8.50
C GLU A 52 -15.29 10.55 9.39
N ILE A 53 -14.19 9.83 9.39
CA ILE A 53 -14.05 8.64 10.22
C ILE A 53 -12.92 8.82 11.21
N HIS A 54 -12.92 7.85 12.14
CA HIS A 54 -11.83 7.75 13.11
C HIS A 54 -10.87 6.69 12.58
N ALA A 55 -9.81 7.18 11.96
CA ALA A 55 -8.82 6.33 11.35
C ALA A 55 -7.77 5.92 12.36
N MET A 56 -7.12 4.78 12.08
CA MET A 56 -6.04 4.24 12.88
C MET A 56 -4.87 4.05 11.92
N THR A 57 -3.78 4.79 12.18
CA THR A 57 -2.68 4.83 11.24
C THR A 57 -1.32 4.50 11.81
N PHE A 58 -0.46 4.00 10.94
CA PHE A 58 0.95 3.97 11.15
C PHE A 58 1.53 5.25 10.52
N ASN A 59 2.14 6.11 11.29
CA ASN A 59 2.87 7.27 10.83
C ASN A 59 2.01 8.33 10.23
N GLY A 60 0.72 8.34 10.49
CA GLY A 60 -0.23 9.38 10.19
C GLY A 60 -0.93 9.29 8.85
N SER A 61 -0.64 8.22 8.10
CA SER A 61 -1.14 8.07 6.74
C SER A 61 -1.91 6.77 6.60
N VAL A 62 -2.85 6.75 5.65
CA VAL A 62 -3.46 5.55 5.10
C VAL A 62 -3.09 5.45 3.62
N PRO A 63 -2.35 4.44 3.15
CA PRO A 63 -1.73 3.38 3.93
C PRO A 63 -0.55 3.90 4.74
N GLY A 64 -0.02 3.03 5.62
CA GLY A 64 1.26 3.28 6.27
C GLY A 64 2.36 3.28 5.19
N PRO A 65 3.53 3.84 5.53
N PRO A 65 3.55 3.79 5.55
CA PRO A 65 4.59 3.95 4.51
CA PRO A 65 4.63 3.93 4.57
C PRO A 65 5.08 2.59 4.05
C PRO A 65 5.20 2.60 4.12
N LEU A 66 5.69 2.63 2.86
CA LEU A 66 6.42 1.49 2.32
C LEU A 66 7.83 1.43 2.90
N MET A 67 8.19 0.32 3.48
CA MET A 67 9.52 0.02 3.98
C MET A 67 10.22 -0.79 2.91
N VAL A 68 11.50 -0.54 2.67
CA VAL A 68 12.29 -1.26 1.67
C VAL A 68 13.60 -1.75 2.24
N VAL A 69 13.82 -3.06 2.14
CA VAL A 69 15.07 -3.70 2.53
C VAL A 69 15.47 -4.70 1.45
N HIS A 70 16.59 -5.41 1.64
CA HIS A 70 16.97 -6.51 0.79
C HIS A 70 16.86 -7.85 1.51
N GLU A 71 16.74 -8.89 0.70
CA GLU A 71 16.67 -10.25 1.25
C GLU A 71 17.85 -10.52 2.15
N ASN A 72 17.53 -11.08 3.33
CA ASN A 72 18.43 -11.38 4.42
C ASN A 72 19.04 -10.23 5.16
N ASP A 73 18.56 -9.05 4.91
CA ASP A 73 18.67 -7.99 5.89
C ASP A 73 17.79 -8.33 7.10
N TYR A 74 18.05 -7.64 8.18
CA TYR A 74 17.21 -7.67 9.38
C TYR A 74 16.42 -6.37 9.43
N VAL A 75 15.14 -6.44 9.68
CA VAL A 75 14.31 -5.27 9.89
C VAL A 75 14.15 -5.05 11.38
N GLU A 76 14.55 -3.90 11.87
CA GLU A 76 14.42 -3.58 13.30
C GLU A 76 13.49 -2.38 13.40
N LEU A 77 12.27 -2.62 13.87
CA LEU A 77 11.21 -1.60 13.97
C LEU A 77 10.98 -1.17 15.39
N ARG A 78 11.18 0.11 15.68
CA ARG A 78 10.69 0.77 16.88
C ARG A 78 9.26 1.26 16.60
N LEU A 79 8.33 0.70 17.34
CA LEU A 79 6.91 1.01 17.20
C LEU A 79 6.46 1.76 18.45
N ILE A 80 5.98 2.99 18.27
CA ILE A 80 5.60 3.90 19.34
C ILE A 80 4.09 4.11 19.34
N ASN A 81 3.45 3.91 20.49
CA ASN A 81 2.05 4.22 20.69
C ASN A 81 1.90 5.37 21.69
N PRO A 82 1.88 6.62 21.28
CA PRO A 82 1.82 7.73 22.25
CA PRO A 82 1.81 7.76 22.21
C PRO A 82 0.57 7.73 23.10
N ASP A 83 0.72 8.38 24.24
CA ASP A 83 -0.39 8.44 25.21
C ASP A 83 -1.54 9.33 24.78
N THR A 84 -1.42 9.97 23.62
CA THR A 84 -2.54 10.68 23.04
C THR A 84 -3.49 9.77 22.29
N ASN A 85 -3.09 8.50 22.00
CA ASN A 85 -3.97 7.55 21.46
C ASN A 85 -4.78 6.88 22.58
N THR A 86 -5.80 6.12 22.17
CA THR A 86 -6.64 5.48 23.19
CA THR A 86 -6.77 5.48 23.06
C THR A 86 -6.64 3.97 23.09
N LEU A 87 -6.22 3.37 21.99
CA LEU A 87 -6.31 1.93 21.84
C LEU A 87 -4.97 1.21 21.91
N LEU A 88 -5.04 -0.08 22.16
CA LEU A 88 -3.97 -1.04 22.03
C LEU A 88 -3.73 -1.35 20.57
N HIS A 89 -2.45 -1.42 20.17
CA HIS A 89 -2.07 -1.76 18.79
C HIS A 89 -0.88 -2.67 18.80
N ASN A 90 -0.56 -3.22 17.65
CA ASN A 90 0.64 -4.08 17.45
C ASN A 90 0.99 -4.08 15.95
N ILE A 91 1.88 -4.99 15.51
CA ILE A 91 2.13 -5.09 14.11
C ILE A 91 2.46 -6.54 13.71
N ASP A 92 1.88 -6.95 12.58
CA ASP A 92 2.11 -8.24 11.93
C ASP A 92 2.75 -7.95 10.57
N PHE A 93 3.93 -8.44 10.36
CA PHE A 93 4.58 -8.40 9.05
C PHE A 93 4.43 -9.69 8.30
N HIS A 94 3.81 -9.67 7.14
CA HIS A 94 3.71 -10.90 6.34
C HIS A 94 5.07 -11.35 5.82
N ALA A 95 6.09 -10.47 5.86
CA ALA A 95 7.45 -10.80 5.47
C ALA A 95 8.17 -11.62 6.51
N ALA A 96 7.67 -11.65 7.75
CA ALA A 96 8.39 -12.21 8.87
C ALA A 96 7.90 -13.61 9.21
N THR A 97 8.74 -14.33 9.95
CA THR A 97 8.44 -15.70 10.37
C THR A 97 8.43 -15.80 11.89
N GLY A 98 7.26 -16.24 12.41
CA GLY A 98 7.09 -16.44 13.83
C GLY A 98 6.17 -15.42 14.48
N ALA A 99 5.65 -15.82 15.66
CA ALA A 99 4.92 -14.96 16.58
C ALA A 99 3.83 -14.15 15.86
N LEU A 100 3.07 -14.80 14.98
N LEU A 100 3.07 -14.84 15.01
CA LEU A 100 1.95 -14.22 14.23
CA LEU A 100 1.99 -14.16 14.30
C LEU A 100 2.37 -13.14 13.25
C LEU A 100 2.51 -12.90 13.58
N GLY A 101 3.66 -13.11 12.94
CA GLY A 101 4.22 -12.07 12.13
C GLY A 101 4.83 -10.93 12.91
N GLY A 102 4.90 -11.08 14.21
CA GLY A 102 5.39 -10.10 15.15
C GLY A 102 4.30 -9.61 16.08
N GLY A 103 3.04 -9.89 15.79
CA GLY A 103 1.95 -9.34 16.57
C GLY A 103 1.96 -9.80 18.00
N ALA A 104 2.38 -11.05 18.24
CA ALA A 104 2.42 -11.55 19.60
C ALA A 104 3.49 -10.89 20.45
N LEU A 105 4.44 -10.19 19.85
CA LEU A 105 5.56 -9.59 20.54
C LEU A 105 5.53 -8.08 20.61
N THR A 106 4.55 -7.41 19.98
CA THR A 106 4.54 -5.98 19.82
C THR A 106 3.28 -5.28 20.33
N GLN A 107 2.58 -5.90 21.28
CA GLN A 107 1.39 -5.26 21.83
C GLN A 107 1.78 -4.07 22.70
N VAL A 108 1.34 -2.88 22.26
CA VAL A 108 1.65 -1.62 22.91
C VAL A 108 0.38 -0.89 23.28
N ASN A 109 0.18 -0.65 24.59
CA ASN A 109 -0.85 0.25 25.07
C ASN A 109 -0.43 1.70 24.84
N PRO A 110 -1.37 2.62 24.87
CA PRO A 110 -0.98 4.05 24.80
C PRO A 110 0.03 4.36 25.89
N GLY A 111 1.08 5.07 25.49
CA GLY A 111 2.18 5.38 26.37
C GLY A 111 3.31 4.36 26.34
N GLU A 112 3.26 3.35 25.51
CA GLU A 112 4.29 2.32 25.41
C GLU A 112 4.91 2.34 24.02
N GLU A 113 6.11 1.79 23.95
CA GLU A 113 6.84 1.48 22.72
C GLU A 113 7.47 0.08 22.83
N THR A 114 7.90 -0.40 21.68
CA THR A 114 8.55 -1.70 21.59
C THR A 114 9.49 -1.70 20.40
N THR A 115 10.46 -2.61 20.42
CA THR A 115 11.33 -2.81 19.27
C THR A 115 11.38 -4.28 18.90
N LEU A 116 10.99 -4.58 17.68
CA LEU A 116 10.96 -5.90 17.08
C LEU A 116 12.08 -6.04 16.06
N ARG A 117 12.73 -7.17 15.97
CA ARG A 117 13.65 -7.44 14.88
C ARG A 117 13.24 -8.74 14.22
N PHE A 118 13.30 -8.80 12.90
CA PHE A 118 13.11 -10.06 12.17
C PHE A 118 14.03 -10.09 10.94
N LYS A 119 14.36 -11.29 10.51
CA LYS A 119 15.15 -11.50 9.33
C LYS A 119 14.27 -11.60 8.10
N ALA A 120 14.50 -10.83 7.08
CA ALA A 120 13.67 -10.76 5.87
C ALA A 120 14.15 -11.84 4.91
N THR A 121 13.73 -13.07 5.16
CA THR A 121 14.28 -14.21 4.47
C THR A 121 13.70 -14.46 3.10
N LYS A 122 12.59 -13.83 2.72
CA LYS A 122 11.96 -14.09 1.43
C LYS A 122 11.76 -12.81 0.64
N PRO A 123 12.17 -12.76 -0.63
CA PRO A 123 11.98 -11.52 -1.40
C PRO A 123 10.58 -11.39 -1.96
N GLY A 124 10.15 -10.15 -2.02
CA GLY A 124 8.81 -9.84 -2.46
C GLY A 124 8.28 -8.58 -1.86
N VAL A 125 7.10 -8.18 -2.24
CA VAL A 125 6.35 -7.14 -1.53
C VAL A 125 5.36 -7.87 -0.63
N PHE A 126 5.17 -7.40 0.57
CA PHE A 126 4.34 -8.02 1.60
C PHE A 126 3.49 -6.99 2.32
N VAL A 127 2.31 -7.38 2.78
CA VAL A 127 1.50 -6.52 3.65
C VAL A 127 2.09 -6.54 5.07
N TYR A 128 1.94 -5.43 5.77
CA TYR A 128 2.00 -5.40 7.21
C TYR A 128 0.69 -4.79 7.70
N HIS A 129 0.27 -5.16 8.89
CA HIS A 129 -0.93 -4.57 9.45
C HIS A 129 -1.00 -4.77 10.95
N CYS A 130 -1.79 -3.92 11.62
CA CYS A 130 -2.09 -4.14 13.03
C CYS A 130 -2.97 -5.36 13.16
N ALA A 131 -2.90 -6.04 14.29
CA ALA A 131 -3.69 -7.28 14.50
C ALA A 131 -3.90 -7.54 15.97
N PRO A 132 -4.62 -6.71 16.71
CA PRO A 132 -4.79 -6.97 18.16
C PRO A 132 -5.82 -8.09 18.35
N GLU A 133 -5.45 -9.07 19.17
CA GLU A 133 -6.32 -10.22 19.32
C GLU A 133 -7.75 -9.85 19.63
N GLY A 134 -8.67 -10.40 18.85
CA GLY A 134 -10.07 -10.10 19.04
C GLY A 134 -10.61 -8.93 18.29
N MET A 135 -9.77 -8.05 17.76
CA MET A 135 -10.27 -6.85 17.09
CA MET A 135 -10.18 -6.82 17.12
C MET A 135 -9.50 -6.61 15.79
N VAL A 136 -9.03 -7.68 15.15
CA VAL A 136 -8.17 -7.59 13.99
C VAL A 136 -8.83 -6.87 12.81
N PRO A 137 -9.96 -7.30 12.31
CA PRO A 137 -10.49 -6.63 11.12
C PRO A 137 -10.88 -5.17 11.38
N TRP A 138 -11.34 -4.85 12.56
CA TRP A 138 -11.62 -3.41 12.84
C TRP A 138 -10.37 -2.56 12.69
N HIS A 139 -9.21 -2.95 13.22
CA HIS A 139 -8.00 -2.11 13.07
C HIS A 139 -7.55 -2.06 11.62
N VAL A 140 -7.56 -3.20 10.94
CA VAL A 140 -7.12 -3.22 9.54
C VAL A 140 -7.98 -2.34 8.66
N THR A 141 -9.29 -2.45 8.81
CA THR A 141 -10.21 -1.72 7.98
C THR A 141 -10.48 -0.29 8.47
N SER A 142 -9.79 0.13 9.50
CA SER A 142 -9.69 1.51 9.92
C SER A 142 -8.44 2.19 9.37
N GLY A 143 -7.67 1.49 8.55
CA GLY A 143 -6.54 2.04 7.86
C GLY A 143 -5.18 1.57 8.34
N MET A 144 -5.15 0.64 9.31
CA MET A 144 -3.88 0.31 9.96
C MET A 144 -3.14 -0.81 9.24
N ASN A 145 -2.63 -0.44 8.06
CA ASN A 145 -1.90 -1.40 7.20
C ASN A 145 -1.04 -0.67 6.21
N GLY A 146 0.00 -1.32 5.77
CA GLY A 146 0.94 -0.80 4.80
C GLY A 146 1.63 -1.93 4.11
N ALA A 147 2.86 -1.75 3.66
CA ALA A 147 3.59 -2.81 2.97
C ALA A 147 5.08 -2.64 3.18
N ILE A 148 5.79 -3.75 2.95
CA ILE A 148 7.22 -3.81 3.00
C ILE A 148 7.72 -4.51 1.74
N MET A 149 8.73 -3.97 1.12
CA MET A 149 9.38 -4.56 -0.04
C MET A 149 10.73 -5.13 0.35
N VAL A 150 10.93 -6.42 0.09
CA VAL A 150 12.18 -7.12 0.32
C VAL A 150 12.76 -7.43 -1.05
N LEU A 151 13.70 -6.62 -1.51
CA LEU A 151 14.28 -6.79 -2.84
C LEU A 151 15.29 -7.96 -2.85
N PRO A 152 15.34 -8.67 -3.93
CA PRO A 152 16.47 -9.61 -4.10
C PRO A 152 17.75 -8.79 -4.04
N ARG A 153 18.83 -9.39 -3.55
CA ARG A 153 20.08 -8.64 -3.46
C ARG A 153 20.63 -8.18 -4.80
N ASP A 154 20.28 -8.92 -5.86
CA ASP A 154 20.69 -8.47 -7.18
C ASP A 154 19.55 -7.81 -8.01
N GLY A 155 18.57 -7.25 -7.31
CA GLY A 155 17.51 -6.53 -7.93
C GLY A 155 16.50 -7.41 -8.65
N LEU A 156 15.61 -6.83 -9.39
CA LEU A 156 14.56 -7.56 -10.05
C LEU A 156 15.01 -8.17 -11.35
N LYS A 157 14.37 -9.27 -11.73
CA LYS A 157 14.65 -10.03 -12.94
CA LYS A 157 14.67 -9.94 -12.99
C LYS A 157 13.38 -10.34 -13.70
N ASP A 158 13.49 -10.39 -15.02
CA ASP A 158 12.36 -10.78 -15.87
C ASP A 158 12.28 -12.30 -15.94
N GLU A 159 11.38 -12.76 -16.79
CA GLU A 159 11.04 -14.17 -16.86
C GLU A 159 12.20 -14.98 -17.45
N LYS A 160 13.19 -14.32 -18.03
CA LYS A 160 14.35 -14.95 -18.62
C LYS A 160 15.60 -14.78 -17.77
N GLY A 161 15.48 -14.11 -16.65
CA GLY A 161 16.67 -13.93 -15.81
C GLY A 161 17.48 -12.69 -16.12
N GLN A 162 17.02 -11.82 -16.98
CA GLN A 162 17.77 -10.59 -17.22
CA GLN A 162 17.60 -10.56 -17.34
C GLN A 162 17.17 -9.48 -16.34
N PRO A 163 17.98 -8.50 -16.06
CA PRO A 163 17.59 -7.43 -15.15
C PRO A 163 16.39 -6.61 -15.61
N LEU A 164 15.58 -6.25 -14.61
CA LEU A 164 14.56 -5.21 -14.77
C LEU A 164 14.88 -4.11 -13.77
N THR A 165 15.04 -2.88 -14.22
CA THR A 165 15.41 -1.78 -13.36
C THR A 165 14.36 -0.69 -13.49
N TYR A 166 13.72 -0.28 -12.39
CA TYR A 166 12.75 0.80 -12.47
C TYR A 166 13.44 2.13 -12.29
N ASP A 167 12.90 3.14 -12.95
CA ASP A 167 13.30 4.53 -12.82
C ASP A 167 12.55 5.25 -11.70
N LYS A 168 11.29 4.85 -11.50
CA LYS A 168 10.43 5.45 -10.45
C LYS A 168 9.66 4.31 -9.79
N ILE A 169 9.29 4.53 -8.53
CA ILE A 169 8.44 3.60 -7.83
C ILE A 169 7.36 4.40 -7.09
N TYR A 170 6.16 3.83 -7.08
CA TYR A 170 5.09 4.34 -6.29
C TYR A 170 4.42 3.21 -5.50
N TYR A 171 3.88 3.57 -4.36
CA TYR A 171 3.14 2.64 -3.50
C TYR A 171 1.67 3.14 -3.41
N VAL A 172 0.77 2.31 -3.95
CA VAL A 172 -0.66 2.50 -3.86
C VAL A 172 -1.26 1.54 -2.88
N GLY A 173 -1.70 2.08 -1.77
CA GLY A 173 -2.43 1.27 -0.81
C GLY A 173 -3.90 1.48 -1.07
N GLU A 174 -4.64 0.40 -1.17
CA GLU A 174 -6.07 0.41 -1.38
C GLU A 174 -6.77 -0.02 -0.09
N GLN A 175 -7.70 0.81 0.36
CA GLN A 175 -8.38 0.60 1.62
C GLN A 175 -9.90 0.46 1.45
N ASP A 176 -10.45 -0.64 1.91
CA ASP A 176 -11.90 -0.84 2.04
C ASP A 176 -12.31 -0.33 3.41
N PHE A 177 -13.24 0.62 3.45
CA PHE A 177 -13.84 1.11 4.68
C PHE A 177 -15.30 0.62 4.73
N TYR A 178 -15.79 0.46 5.95
CA TYR A 178 -17.13 -0.06 6.26
C TYR A 178 -17.76 0.88 7.24
N VAL A 179 -18.15 2.05 6.92
CA VAL A 179 -18.78 3.09 7.63
C VAL A 179 -20.23 2.66 7.91
N PRO A 180 -20.57 2.50 9.19
CA PRO A 180 -21.92 2.04 9.50
C PRO A 180 -22.99 2.97 8.98
N LYS A 181 -24.06 2.34 8.51
CA LYS A 181 -25.22 3.02 8.00
C LYS A 181 -26.45 2.70 8.82
N ASP A 182 -27.30 3.71 8.89
CA ASP A 182 -28.64 3.52 9.44
C ASP A 182 -29.54 2.89 8.37
N GLU A 183 -30.79 2.59 8.72
CA GLU A 183 -31.73 1.92 7.88
C GLU A 183 -32.02 2.66 6.60
N ALA A 184 -32.07 3.99 6.76
CA ALA A 184 -32.25 4.80 5.55
C ALA A 184 -31.02 4.91 4.65
N GLY A 185 -29.86 4.46 5.10
CA GLY A 185 -28.65 4.44 4.31
C GLY A 185 -27.66 5.55 4.63
N ASN A 186 -27.91 6.41 5.61
CA ASN A 186 -26.93 7.45 5.94
C ASN A 186 -25.91 6.92 6.93
N TYR A 187 -24.69 7.45 6.82
CA TYR A 187 -23.63 7.07 7.74
C TYR A 187 -23.92 7.53 9.16
N LYS A 188 -23.62 6.63 10.06
N LYS A 188 -23.73 6.67 10.15
CA LYS A 188 -23.68 6.89 11.49
CA LYS A 188 -24.15 7.00 11.51
C LYS A 188 -22.28 7.26 11.96
C LYS A 188 -23.27 8.09 12.10
N LYS A 189 -22.33 8.08 12.99
N LYS A 189 -23.85 8.90 12.99
CA LYS A 189 -21.25 8.71 13.71
CA LYS A 189 -23.13 9.91 13.79
C LYS A 189 -21.32 8.35 15.20
C LYS A 189 -23.25 9.57 15.27
N TYR A 190 -20.17 8.21 15.82
N TYR A 190 -22.14 9.54 16.00
CA TYR A 190 -20.00 7.63 17.13
CA TYR A 190 -22.10 9.11 17.40
C TYR A 190 -19.14 8.46 18.06
C TYR A 190 -21.03 9.85 18.21
N GLU A 191 -19.41 8.35 19.37
N GLU A 191 -20.06 9.07 18.68
CA GLU A 191 -18.84 9.28 20.36
CA GLU A 191 -18.91 9.53 19.47
C GLU A 191 -17.49 8.78 20.88
C GLU A 191 -17.71 8.63 19.71
N THR A 192 -17.31 7.45 20.95
N THR A 192 -17.65 7.38 20.17
CA THR A 192 -16.07 6.84 21.38
CA THR A 192 -16.43 6.86 20.80
C THR A 192 -15.89 5.56 20.55
C THR A 192 -15.94 5.48 20.40
N PRO A 193 -14.67 5.06 20.51
CA PRO A 193 -14.38 3.77 19.81
C PRO A 193 -15.18 2.63 20.41
N GLY A 194 -15.40 2.51 21.71
CA GLY A 194 -16.17 1.40 22.30
C GLY A 194 -17.63 1.43 21.88
N GLU A 195 -18.34 2.53 21.81
CA GLU A 195 -19.68 2.83 21.38
C GLU A 195 -19.81 2.55 19.86
N ALA A 196 -18.68 2.69 19.12
CA ALA A 196 -18.70 2.39 17.70
C ALA A 196 -18.47 0.92 17.41
N TYR A 197 -17.94 0.13 18.33
CA TYR A 197 -17.41 -1.17 17.96
C TYR A 197 -18.48 -2.12 17.44
N GLU A 198 -19.63 -2.24 18.10
CA GLU A 198 -20.64 -3.19 17.61
C GLU A 198 -21.17 -2.80 16.24
N ASP A 199 -21.42 -1.51 16.03
CA ASP A 199 -21.91 -1.16 14.69
CA ASP A 199 -21.82 -0.95 14.75
C ASP A 199 -20.79 -1.28 13.66
N ALA A 200 -19.54 -1.15 14.05
CA ALA A 200 -18.43 -1.39 13.12
C ALA A 200 -18.42 -2.85 12.69
N VAL A 201 -18.63 -3.74 13.63
CA VAL A 201 -18.67 -5.18 13.39
C VAL A 201 -19.86 -5.50 12.49
N LYS A 202 -21.02 -4.96 12.77
CA LYS A 202 -22.20 -5.15 11.93
C LYS A 202 -21.94 -4.70 10.50
N ALA A 203 -21.34 -3.53 10.36
CA ALA A 203 -21.04 -2.99 9.05
C ALA A 203 -20.05 -3.89 8.31
N MET A 204 -18.98 -4.33 8.99
CA MET A 204 -18.05 -5.24 8.34
C MET A 204 -18.73 -6.52 7.90
N ARG A 205 -19.67 -7.06 8.68
CA ARG A 205 -20.25 -8.36 8.38
C ARG A 205 -21.12 -8.33 7.15
N THR A 206 -21.47 -7.15 6.65
CA THR A 206 -22.19 -7.10 5.39
C THR A 206 -21.30 -7.46 4.20
N LEU A 207 -19.99 -7.41 4.35
CA LEU A 207 -18.96 -7.68 3.33
C LEU A 207 -19.04 -6.74 2.17
N THR A 208 -19.59 -5.57 2.31
CA THR A 208 -19.89 -4.55 1.34
C THR A 208 -19.30 -3.24 1.82
N PRO A 209 -18.13 -2.91 1.29
CA PRO A 209 -17.50 -1.65 1.65
C PRO A 209 -18.37 -0.47 1.23
N THR A 210 -18.34 0.58 2.05
CA THR A 210 -18.99 1.83 1.70
C THR A 210 -18.06 2.71 0.84
N HIS A 211 -16.76 2.51 0.96
CA HIS A 211 -15.71 3.28 0.32
C HIS A 211 -14.53 2.36 0.00
N ILE A 212 -13.91 2.53 -1.13
CA ILE A 212 -12.70 1.77 -1.49
C ILE A 212 -11.79 2.83 -2.09
N VAL A 213 -10.68 3.17 -1.42
CA VAL A 213 -9.93 4.33 -1.80
C VAL A 213 -8.47 4.04 -1.93
N PHE A 214 -7.77 4.85 -2.69
CA PHE A 214 -6.32 4.84 -2.80
C PHE A 214 -5.74 6.01 -2.00
N ASN A 215 -4.69 5.70 -1.25
CA ASN A 215 -3.98 6.69 -0.47
C ASN A 215 -4.92 7.46 0.47
N GLY A 216 -5.94 6.79 1.02
CA GLY A 216 -6.71 7.29 2.10
C GLY A 216 -7.94 8.07 1.84
N ALA A 217 -8.28 8.40 0.58
CA ALA A 217 -9.46 9.22 0.31
C ALA A 217 -9.81 9.17 -1.15
N VAL A 218 -11.09 9.41 -1.44
CA VAL A 218 -11.50 9.58 -2.82
C VAL A 218 -10.67 10.69 -3.45
N GLY A 219 -10.10 10.47 -4.63
CA GLY A 219 -9.40 11.54 -5.32
C GLY A 219 -8.03 11.81 -4.80
N ALA A 220 -7.51 11.02 -3.84
CA ALA A 220 -6.22 11.39 -3.26
C ALA A 220 -5.11 11.41 -4.29
N LEU A 221 -5.15 10.55 -5.28
CA LEU A 221 -4.11 10.44 -6.28
C LEU A 221 -4.56 11.04 -7.62
N THR A 222 -5.16 12.25 -7.53
CA THR A 222 -5.57 13.05 -8.64
C THR A 222 -5.18 14.52 -8.43
N GLY A 223 -5.32 15.27 -9.52
CA GLY A 223 -5.06 16.71 -9.51
C GLY A 223 -3.63 17.00 -9.20
N ASP A 224 -3.33 17.87 -8.25
CA ASP A 224 -1.95 18.17 -7.91
C ASP A 224 -1.26 16.98 -7.29
N HIS A 225 -1.97 15.93 -6.87
CA HIS A 225 -1.35 14.70 -6.34
C HIS A 225 -1.46 13.54 -7.28
N ALA A 226 -1.73 13.77 -8.59
CA ALA A 226 -1.57 12.71 -9.58
C ALA A 226 -0.16 12.15 -9.57
N LEU A 227 -0.04 10.89 -9.90
CA LEU A 227 1.27 10.23 -10.15
C LEU A 227 1.79 10.79 -11.45
N THR A 228 3.07 10.82 -11.60
CA THR A 228 3.70 11.39 -12.79
C THR A 228 4.76 10.45 -13.35
N ALA A 229 4.95 10.56 -14.68
CA ALA A 229 6.01 9.86 -15.38
C ALA A 229 6.26 10.55 -16.69
N ALA A 230 7.32 10.14 -17.34
CA ALA A 230 7.64 10.58 -18.70
C ALA A 230 7.62 9.38 -19.66
N VAL A 231 7.32 9.65 -20.93
CA VAL A 231 7.44 8.61 -21.93
C VAL A 231 8.86 8.03 -21.87
N GLY A 232 8.94 6.70 -21.84
CA GLY A 232 10.19 6.01 -21.81
C GLY A 232 10.66 5.58 -20.45
N GLU A 233 9.98 6.12 -19.42
CA GLU A 233 10.37 5.79 -18.06
CA GLU A 233 10.32 5.81 -18.06
C GLU A 233 9.76 4.46 -17.63
N ARG A 234 10.57 3.71 -16.86
CA ARG A 234 10.21 2.45 -16.28
C ARG A 234 9.69 2.67 -14.86
N VAL A 235 8.43 2.30 -14.61
CA VAL A 235 7.80 2.58 -13.33
C VAL A 235 7.32 1.28 -12.71
N LEU A 236 7.65 1.12 -11.42
CA LEU A 236 7.11 0.02 -10.62
C LEU A 236 6.01 0.57 -9.74
N VAL A 237 4.83 -0.03 -9.77
CA VAL A 237 3.76 0.33 -8.90
C VAL A 237 3.49 -0.86 -7.99
N VAL A 238 3.76 -0.63 -6.70
CA VAL A 238 3.46 -1.59 -5.63
C VAL A 238 2.04 -1.32 -5.18
N HIS A 239 1.20 -2.35 -5.05
CA HIS A 239 -0.21 -2.15 -4.69
C HIS A 239 -0.52 -3.16 -3.62
N SER A 240 -1.13 -2.70 -2.52
CA SER A 240 -1.49 -3.66 -1.48
C SER A 240 -2.98 -3.53 -1.12
N GLN A 241 -3.50 -4.62 -0.61
CA GLN A 241 -4.89 -4.69 -0.10
C GLN A 241 -4.85 -5.67 1.05
N ALA A 242 -4.93 -5.19 2.28
CA ALA A 242 -4.76 -6.05 3.43
C ALA A 242 -5.95 -6.91 3.77
N ASN A 243 -7.11 -6.65 3.18
CA ASN A 243 -8.32 -7.31 3.62
C ASN A 243 -9.24 -7.84 2.50
N ARG A 244 -9.11 -7.34 1.27
CA ARG A 244 -10.09 -7.65 0.24
C ARG A 244 -9.43 -7.67 -1.12
N ASP A 245 -9.90 -8.55 -2.00
CA ASP A 245 -9.35 -8.65 -3.35
C ASP A 245 -9.49 -7.33 -4.12
N THR A 246 -8.51 -7.10 -4.97
CA THR A 246 -8.56 -6.02 -5.93
C THR A 246 -7.99 -6.51 -7.25
N ARG A 247 -8.22 -5.70 -8.30
CA ARG A 247 -7.82 -6.07 -9.65
C ARG A 247 -7.34 -4.84 -10.37
N PRO A 248 -6.06 -4.43 -10.16
CA PRO A 248 -5.56 -3.18 -10.75
C PRO A 248 -5.46 -3.25 -12.25
N HIS A 249 -5.56 -2.08 -12.84
CA HIS A 249 -5.55 -1.84 -14.26
CA HIS A 249 -5.46 -1.86 -14.27
C HIS A 249 -5.06 -0.43 -14.53
N LEU A 250 -4.14 -0.28 -15.45
CA LEU A 250 -3.70 1.04 -15.92
C LEU A 250 -4.41 1.34 -17.23
N ILE A 251 -5.37 2.27 -17.19
CA ILE A 251 -6.21 2.58 -18.35
C ILE A 251 -5.37 3.32 -19.40
N GLY A 252 -5.22 2.65 -20.54
CA GLY A 252 -4.32 3.12 -21.57
C GLY A 252 -2.99 2.50 -21.59
N GLY A 253 -2.68 1.68 -20.59
CA GLY A 253 -1.44 0.96 -20.52
C GLY A 253 -1.63 -0.51 -20.18
N HIS A 254 -0.61 -1.12 -19.59
CA HIS A 254 -0.52 -2.54 -19.27
C HIS A 254 0.34 -2.68 -18.04
N GLY A 255 0.37 -3.89 -17.48
CA GLY A 255 1.49 -4.35 -16.65
C GLY A 255 2.44 -5.15 -17.52
N ASP A 256 3.57 -4.56 -17.89
CA ASP A 256 4.49 -5.30 -18.76
C ASP A 256 5.03 -6.54 -18.10
N TYR A 257 5.35 -6.42 -16.79
CA TYR A 257 5.80 -7.51 -15.96
C TYR A 257 5.05 -7.40 -14.66
N VAL A 258 4.32 -8.39 -14.24
CA VAL A 258 3.54 -8.31 -13.01
C VAL A 258 3.79 -9.51 -12.12
N TRP A 259 4.02 -9.21 -10.84
CA TRP A 259 4.03 -10.24 -9.80
C TRP A 259 2.74 -10.00 -9.03
N ALA A 260 1.68 -10.63 -9.47
CA ALA A 260 0.34 -10.28 -8.98
C ALA A 260 0.20 -10.62 -7.49
N THR A 261 0.88 -11.69 -7.08
CA THR A 261 0.87 -12.03 -5.66
C THR A 261 2.22 -11.70 -5.02
N GLY A 262 3.04 -10.91 -5.68
CA GLY A 262 4.10 -10.11 -5.11
C GLY A 262 5.43 -10.73 -4.79
N LYS A 263 5.74 -11.94 -5.26
CA LYS A 263 6.91 -12.65 -4.73
C LYS A 263 7.96 -12.89 -5.84
N PHE A 264 9.11 -12.24 -5.67
CA PHE A 264 10.07 -12.06 -6.76
C PHE A 264 10.84 -13.31 -7.13
N ARG A 265 10.83 -14.40 -6.35
CA ARG A 265 11.51 -15.59 -6.86
C ARG A 265 10.71 -16.20 -8.01
N ASN A 266 9.47 -15.77 -8.21
CA ASN A 266 8.64 -16.30 -9.32
C ASN A 266 8.82 -15.45 -10.54
N PRO A 267 8.74 -16.05 -11.73
CA PRO A 267 8.78 -15.21 -12.92
C PRO A 267 7.52 -14.33 -12.99
N PRO A 268 7.66 -13.14 -13.52
CA PRO A 268 6.47 -12.28 -13.63
C PRO A 268 5.57 -12.75 -14.75
N ASP A 269 4.30 -12.40 -14.61
CA ASP A 269 3.34 -12.51 -15.72
C ASP A 269 3.53 -11.34 -16.66
N LEU A 270 3.54 -11.63 -17.96
CA LEU A 270 3.79 -10.63 -18.98
CA LEU A 270 3.79 -10.61 -18.96
C LEU A 270 2.51 -10.04 -19.55
N ASP A 271 2.55 -8.79 -19.91
CA ASP A 271 1.55 -8.13 -20.75
C ASP A 271 0.15 -8.13 -20.20
N GLN A 272 0.05 -8.04 -18.86
CA GLN A 272 -1.27 -8.08 -18.24
C GLN A 272 -2.08 -6.83 -18.54
N GLU A 273 -3.37 -7.05 -18.75
CA GLU A 273 -4.32 -5.94 -18.79
C GLU A 273 -4.76 -5.58 -17.37
N THR A 274 -5.10 -6.59 -16.61
CA THR A 274 -5.60 -6.53 -15.28
C THR A 274 -5.04 -7.74 -14.55
N TRP A 275 -4.83 -7.60 -13.24
CA TRP A 275 -4.47 -8.83 -12.52
CA TRP A 275 -4.21 -8.61 -12.39
C TRP A 275 -5.04 -8.76 -11.10
N LEU A 276 -5.10 -9.92 -10.50
CA LEU A 276 -5.80 -10.05 -9.23
C LEU A 276 -4.79 -10.07 -8.09
N ILE A 277 -4.89 -9.11 -7.19
CA ILE A 277 -4.19 -9.09 -5.92
C ILE A 277 -5.17 -9.55 -4.84
N PRO A 278 -4.94 -10.75 -4.27
CA PRO A 278 -5.88 -11.22 -3.28
C PRO A 278 -5.81 -10.41 -1.99
N GLY A 279 -6.95 -10.29 -1.31
CA GLY A 279 -6.93 -9.65 0.01
C GLY A 279 -5.87 -10.30 0.92
N GLY A 280 -5.12 -9.45 1.62
CA GLY A 280 -4.00 -9.93 2.41
C GLY A 280 -2.70 -10.01 1.68
N THR A 281 -2.56 -9.36 0.54
CA THR A 281 -1.38 -9.49 -0.33
C THR A 281 -0.96 -8.12 -0.84
N ALA A 282 0.33 -8.04 -1.16
CA ALA A 282 0.86 -6.96 -1.98
C ALA A 282 1.32 -7.57 -3.31
N GLY A 283 1.10 -6.80 -4.37
CA GLY A 283 1.59 -7.13 -5.69
C GLY A 283 2.41 -6.01 -6.27
N ALA A 284 3.08 -6.24 -7.40
CA ALA A 284 3.89 -5.21 -8.01
C ALA A 284 3.80 -5.34 -9.54
N ALA A 285 3.67 -4.22 -10.22
CA ALA A 285 3.60 -4.17 -11.69
C ALA A 285 4.61 -3.17 -12.20
N PHE A 286 5.32 -3.59 -13.26
CA PHE A 286 6.37 -2.85 -13.92
C PHE A 286 5.86 -2.46 -15.31
N TYR A 287 5.97 -1.19 -15.67
CA TYR A 287 5.50 -0.71 -16.99
C TYR A 287 6.44 0.35 -17.50
N THR A 288 6.70 0.33 -18.79
CA THR A 288 7.45 1.38 -19.48
C THR A 288 6.47 2.21 -20.29
N PHE A 289 6.31 3.48 -19.92
CA PHE A 289 5.35 4.33 -20.62
C PHE A 289 5.78 4.55 -22.05
N ARG A 290 4.81 4.51 -22.96
CA ARG A 290 5.01 4.70 -24.38
C ARG A 290 4.23 5.87 -24.96
N GLN A 291 3.27 6.43 -24.22
CA GLN A 291 2.46 7.56 -24.69
C GLN A 291 2.26 8.55 -23.56
N PRO A 292 2.20 9.82 -23.89
CA PRO A 292 1.91 10.84 -22.91
C PRO A 292 0.41 10.97 -22.68
N GLY A 293 0.07 11.77 -21.71
CA GLY A 293 -1.29 12.14 -21.39
C GLY A 293 -1.71 11.62 -20.04
N VAL A 294 -3.05 11.71 -19.83
CA VAL A 294 -3.66 11.24 -18.59
C VAL A 294 -3.96 9.77 -18.72
N TYR A 295 -3.60 9.05 -17.68
CA TYR A 295 -3.99 7.65 -17.49
C TYR A 295 -4.78 7.61 -16.19
N ALA A 296 -5.72 6.70 -16.13
CA ALA A 296 -6.38 6.36 -14.88
C ALA A 296 -5.82 5.02 -14.43
N TYR A 297 -5.53 4.87 -13.15
CA TYR A 297 -5.10 3.64 -12.50
C TYR A 297 -6.23 3.23 -11.57
N VAL A 298 -6.83 2.06 -11.80
CA VAL A 298 -8.06 1.73 -11.14
C VAL A 298 -8.08 0.29 -10.66
N ASN A 299 -8.94 0.03 -9.69
CA ASN A 299 -9.51 -1.31 -9.46
C ASN A 299 -10.52 -1.55 -10.57
N HIS A 300 -10.37 -2.58 -11.38
CA HIS A 300 -11.28 -2.76 -12.54
C HIS A 300 -12.56 -3.50 -12.23
N ASN A 301 -13.00 -3.50 -10.97
CA ASN A 301 -14.44 -3.45 -10.74
C ASN A 301 -14.77 -1.96 -10.86
N LEU A 302 -15.31 -1.58 -11.99
CA LEU A 302 -15.48 -0.15 -12.28
C LEU A 302 -16.45 0.54 -11.36
N ILE A 303 -17.34 -0.20 -10.70
CA ILE A 303 -18.16 0.37 -9.67
C ILE A 303 -17.28 0.77 -8.48
N GLU A 304 -16.43 -0.17 -8.07
CA GLU A 304 -15.47 0.10 -6.99
C GLU A 304 -14.59 1.28 -7.32
N ALA A 305 -14.17 1.38 -8.59
CA ALA A 305 -13.31 2.50 -9.00
C ALA A 305 -14.02 3.83 -9.02
N PHE A 306 -15.11 3.91 -9.80
CA PHE A 306 -15.64 5.26 -10.12
C PHE A 306 -16.77 5.67 -9.21
N GLU A 307 -17.46 4.72 -8.57
N GLU A 307 -17.43 4.72 -8.57
CA GLU A 307 -18.49 5.07 -7.61
CA GLU A 307 -18.44 5.10 -7.58
C GLU A 307 -18.00 4.97 -6.18
C GLU A 307 -17.83 5.12 -6.20
N LEU A 308 -17.06 4.08 -5.83
CA LEU A 308 -16.67 3.95 -4.42
C LEU A 308 -15.28 4.54 -4.09
N GLY A 309 -14.47 4.89 -5.09
CA GLY A 309 -13.25 5.63 -4.90
C GLY A 309 -11.93 5.08 -5.36
N ALA A 310 -11.90 3.90 -5.94
CA ALA A 310 -10.66 3.18 -6.18
C ALA A 310 -10.08 3.54 -7.55
N ALA A 311 -9.71 4.83 -7.68
CA ALA A 311 -9.20 5.38 -8.93
C ALA A 311 -8.25 6.52 -8.67
N GLY A 312 -7.13 6.48 -9.36
CA GLY A 312 -6.14 7.55 -9.35
C GLY A 312 -5.70 7.86 -10.77
N HIS A 313 -4.80 8.83 -10.92
CA HIS A 313 -4.37 9.27 -12.23
C HIS A 313 -2.85 9.29 -12.29
N PHE A 314 -2.33 9.05 -13.49
CA PHE A 314 -0.99 9.39 -13.89
C PHE A 314 -1.12 10.57 -14.90
N LYS A 315 -0.22 11.50 -14.81
CA LYS A 315 0.00 12.53 -15.83
CA LYS A 315 -0.01 12.52 -15.83
C LYS A 315 1.36 12.23 -16.42
N VAL A 316 1.44 11.93 -17.69
CA VAL A 316 2.67 11.52 -18.37
C VAL A 316 3.04 12.53 -19.42
N THR A 317 4.29 13.00 -19.33
N THR A 317 4.30 12.96 -19.40
CA THR A 317 4.83 13.98 -20.26
CA THR A 317 4.85 13.96 -20.30
C THR A 317 5.52 13.30 -21.42
C THR A 317 5.75 13.40 -21.37
N GLY A 318 5.60 13.94 -22.58
CA GLY A 318 6.42 13.54 -23.67
C GLY A 318 5.71 13.53 -24.99
N GLU A 319 6.32 12.92 -26.00
CA GLU A 319 5.89 12.89 -27.37
CA GLU A 319 5.77 13.00 -27.35
C GLU A 319 4.77 11.88 -27.62
N TRP A 320 3.80 12.23 -28.45
CA TRP A 320 2.72 11.31 -28.89
C TRP A 320 3.22 10.49 -30.06
N ASN A 321 2.98 9.17 -30.00
CA ASN A 321 3.34 8.24 -31.06
C ASN A 321 2.11 7.86 -31.88
N ASP A 322 2.00 8.44 -33.08
CA ASP A 322 0.84 8.14 -33.92
C ASP A 322 0.87 6.77 -34.59
N ASP A 323 2.03 6.13 -34.62
CA ASP A 323 2.07 4.75 -35.09
C ASP A 323 1.33 3.81 -34.11
N LEU A 324 1.52 4.06 -32.82
CA LEU A 324 0.90 3.24 -31.78
CA LEU A 324 0.90 3.23 -31.79
C LEU A 324 -0.60 3.50 -31.67
N MET A 325 -1.01 4.75 -31.81
CA MET A 325 -2.43 5.07 -31.76
C MET A 325 -2.69 6.42 -32.44
N THR A 326 -3.73 6.50 -33.23
CA THR A 326 -4.13 7.80 -33.76
C THR A 326 -5.61 7.81 -34.05
N SER A 327 -6.15 9.03 -34.02
CA SER A 327 -7.50 9.26 -34.55
C SER A 327 -7.39 9.47 -36.05
N VAL A 328 -7.87 8.53 -36.83
CA VAL A 328 -7.89 8.63 -38.29
C VAL A 328 -8.93 9.63 -38.76
N VAL A 329 -10.14 9.57 -38.20
CA VAL A 329 -11.18 10.48 -38.49
C VAL A 329 -11.75 10.89 -37.12
N LYS A 330 -11.59 12.14 -36.72
CA LYS A 330 -12.11 12.61 -35.45
C LYS A 330 -13.63 12.54 -35.46
N PRO A 331 -14.25 12.43 -34.28
CA PRO A 331 -15.72 12.38 -34.23
C PRO A 331 -16.38 13.52 -34.98
N ALA A 332 -17.36 13.14 -35.83
CA ALA A 332 -17.98 14.11 -36.72
C ALA A 332 -19.31 13.54 -37.20
N SER A 333 -20.20 14.46 -37.60
CA SER A 333 -21.47 13.99 -38.09
C SER A 333 -21.34 13.17 -39.37
CU CU B . -4.25 -1.05 15.71
CU CU C . -2.27 -10.61 7.80
S SO4 D . 19.83 -12.93 -6.17
O1 SO4 D . 18.88 -13.87 -6.87
O2 SO4 D . 21.17 -13.00 -6.85
O3 SO4 D . 20.00 -13.37 -4.74
O4 SO4 D . 19.29 -11.54 -6.22
N NO2 E . -2.64 -11.83 9.95
O1 NO2 E . -3.77 -11.33 9.92
O2 NO2 E . -1.66 -12.03 9.20
S SO4 F . -30.39 1.86 12.91
O1 SO4 F . -29.93 0.46 12.66
O2 SO4 F . -31.23 2.32 11.76
O3 SO4 F . -29.19 2.76 13.05
O4 SO4 F . -31.19 1.91 14.18
C1 MLI G . -10.91 9.72 -10.29
C2 MLI G . -11.27 11.00 -9.52
C3 MLI G . -11.67 9.65 -11.61
O6 MLI G . -11.41 12.00 -10.21
O7 MLI G . -11.29 10.95 -8.26
O8 MLI G . -10.97 9.64 -12.68
O9 MLI G . -12.89 9.54 -11.49
N NO H . -1.32 -11.53 9.11
O NO H . -2.48 -11.57 9.12
#